data_6ZF5
#
_entry.id   6ZF5
#
_cell.length_a   103.189
_cell.length_b   103.189
_cell.length_c   54.917
_cell.angle_alpha   90.000
_cell.angle_beta   90.000
_cell.angle_gamma   120.000
#
_symmetry.space_group_name_H-M   'P 61'
#
loop_
_entity.id
_entity.type
_entity.pdbx_description
1 polymer 'Kelch-like ECH-associated protein 1'
2 non-polymer 'SULFATE ION'
3 non-polymer 'DIMETHYL SULFOXIDE'
4 non-polymer '1-[3-[(4-butylphenyl)sulfonyl-(2-hydroxy-2-oxoethyl)amino]phenyl]-5-cyclopropyl-pyrazole-4-carboxylic acid'
5 water water
#
_entity_poly.entity_id   1
_entity_poly.type   'polypeptide(L)'
_entity_poly.pdbx_seq_one_letter_code
;GPKVGRLIYTAGGYFRQSLSYLEAYNPSNGSWLRLADLQVPRSGLAGCVVGGLLYAVGGRNNSPDGNTDSSALDCYNPMT
NQWSPCASMSVPRNRIGVGVIDGHIYAVGGSHGCIHHSSVERYEPERDEWHLVAPMLTRRIGVGVAVLNRLLYAVGGFDG
TNRLNSAECYYPERNEWRMITPMNTIRSGAGVCVLHNCIYAAGGYDGQDQLNSVERYDVETETWTFVAPMRHHRSALGIT
VHQGKIYVLGGYDGHTFLDSVECYDPDSDTWSEVTRMTSGRSGVGVAVTMEPCRKQIDQQNCTC
;
_entity_poly.pdbx_strand_id   A
#
loop_
_chem_comp.id
_chem_comp.type
_chem_comp.name
_chem_comp.formula
DMS non-polymer 'DIMETHYL SULFOXIDE' 'C2 H6 O S'
QH8 non-polymer '1-[3-[(4-butylphenyl)sulfonyl-(2-hydroxy-2-oxoethyl)amino]phenyl]-5-cyclopropyl-pyrazole-4-carboxylic acid' 'C25 H27 N3 O6 S'
SO4 non-polymer 'SULFATE ION' 'O4 S -2'
#
# COMPACT_ATOMS: atom_id res chain seq x y z
N VAL A 4 -3.78 0.74 -22.97
CA VAL A 4 -4.09 -0.68 -22.96
C VAL A 4 -2.93 -1.50 -22.45
N GLY A 5 -3.21 -2.75 -22.08
CA GLY A 5 -2.18 -3.70 -21.75
C GLY A 5 -1.64 -3.64 -20.35
N ARG A 6 -2.35 -3.00 -19.42
CA ARG A 6 -1.88 -2.84 -18.05
C ARG A 6 -2.53 -3.87 -17.13
N LEU A 7 -1.73 -4.41 -16.21
CA LEU A 7 -2.19 -5.41 -15.25
C LEU A 7 -2.04 -4.89 -13.83
N ILE A 8 -2.82 -5.48 -12.93
CA ILE A 8 -2.71 -5.25 -11.50
C ILE A 8 -1.79 -6.32 -10.92
N TYR A 9 -0.63 -5.91 -10.43
CA TYR A 9 0.36 -6.81 -9.88
C TYR A 9 0.22 -6.86 -8.36
N THR A 10 0.22 -8.07 -7.80
CA THR A 10 0.25 -8.25 -6.35
C THR A 10 1.49 -9.03 -5.96
N ALA A 11 2.27 -8.46 -5.05
CA ALA A 11 3.55 -9.01 -4.65
C ALA A 11 3.53 -9.35 -3.17
N GLY A 12 4.03 -10.53 -2.82
CA GLY A 12 4.18 -10.87 -1.42
C GLY A 12 2.87 -11.15 -0.73
N GLY A 13 2.86 -10.93 0.57
CA GLY A 13 1.70 -11.14 1.39
C GLY A 13 1.97 -12.14 2.50
N TYR A 14 0.89 -12.50 3.18
CA TYR A 14 0.96 -13.40 4.33
C TYR A 14 -0.23 -14.35 4.31
N PHE A 15 0.07 -15.62 4.48
CA PHE A 15 -0.89 -16.64 4.88
C PHE A 15 -0.08 -17.72 5.59
N ARG A 16 -0.18 -17.77 6.92
CA ARG A 16 0.61 -18.66 7.77
C ARG A 16 2.08 -18.25 7.86
N GLN A 17 2.63 -17.70 6.78
CA GLN A 17 3.97 -17.13 6.78
C GLN A 17 4.01 -16.11 5.64
N SER A 18 5.09 -15.33 5.59
CA SER A 18 5.24 -14.38 4.51
C SER A 18 5.46 -15.11 3.20
N LEU A 19 4.98 -14.51 2.11
CA LEU A 19 4.90 -15.16 0.82
C LEU A 19 5.79 -14.47 -0.20
N SER A 20 6.19 -15.23 -1.22
CA SER A 20 7.04 -14.72 -2.28
CA SER A 20 7.04 -14.72 -2.28
C SER A 20 6.29 -14.51 -3.59
N TYR A 21 4.96 -14.69 -3.60
CA TYR A 21 4.23 -14.71 -4.85
C TYR A 21 4.28 -13.35 -5.55
N LEU A 22 4.41 -13.39 -6.87
CA LEU A 22 4.11 -12.26 -7.73
C LEU A 22 3.09 -12.76 -8.74
N GLU A 23 1.88 -12.18 -8.71
CA GLU A 23 0.80 -12.59 -9.59
C GLU A 23 0.14 -11.33 -10.14
N ALA A 24 -0.33 -11.42 -11.39
CA ALA A 24 -0.83 -10.25 -12.09
C ALA A 24 -2.19 -10.54 -12.67
N TYR A 25 -3.14 -9.64 -12.42
CA TYR A 25 -4.53 -9.76 -12.83
C TYR A 25 -4.80 -8.83 -14.00
N ASN A 26 -5.48 -9.34 -15.03
CA ASN A 26 -5.84 -8.57 -16.20
C ASN A 26 -7.32 -8.22 -16.13
N PRO A 27 -7.69 -7.00 -15.77
CA PRO A 27 -9.12 -6.65 -15.69
C PRO A 27 -9.86 -6.83 -17.00
N SER A 28 -9.15 -6.83 -18.14
CA SER A 28 -9.83 -6.89 -19.43
C SER A 28 -10.35 -8.29 -19.73
N ASN A 29 -9.73 -9.33 -19.16
CA ASN A 29 -10.19 -10.69 -19.45
C ASN A 29 -10.34 -11.59 -18.24
N GLY A 30 -10.09 -11.08 -17.03
CA GLY A 30 -10.25 -11.86 -15.82
C GLY A 30 -9.13 -12.84 -15.52
N SER A 31 -8.06 -12.85 -16.31
CA SER A 31 -7.01 -13.83 -16.12
C SER A 31 -6.01 -13.40 -15.06
N TRP A 32 -5.40 -14.42 -14.45
CA TRP A 32 -4.28 -14.24 -13.54
C TRP A 32 -3.07 -14.97 -14.09
N LEU A 33 -1.90 -14.37 -13.90
CA LEU A 33 -0.64 -14.99 -14.28
C LEU A 33 0.25 -15.08 -13.06
N ARG A 34 0.92 -16.21 -12.88
CA ARG A 34 1.94 -16.33 -11.84
C ARG A 34 3.29 -15.99 -12.48
N LEU A 35 3.98 -15.01 -11.91
CA LEU A 35 5.23 -14.49 -12.41
C LEU A 35 6.37 -14.85 -11.46
N ALA A 36 7.53 -14.27 -11.69
CA ALA A 36 8.72 -14.65 -10.93
C ALA A 36 8.54 -14.34 -9.45
N ASP A 37 8.85 -15.32 -8.60
CA ASP A 37 8.76 -15.10 -7.16
C ASP A 37 9.76 -14.00 -6.74
N LEU A 38 9.37 -13.24 -5.72
CA LEU A 38 10.32 -12.41 -4.99
C LEU A 38 11.49 -13.26 -4.53
N GLN A 39 12.65 -12.63 -4.47
CA GLN A 39 13.85 -13.33 -4.01
C GLN A 39 13.77 -13.64 -2.52
N VAL A 40 13.08 -12.82 -1.76
CA VAL A 40 12.89 -13.01 -0.32
C VAL A 40 11.40 -12.84 -0.04
N PRO A 41 10.75 -13.79 0.64
CA PRO A 41 9.32 -13.61 0.96
C PRO A 41 9.13 -12.40 1.84
N ARG A 42 8.00 -11.71 1.64
CA ARG A 42 7.74 -10.52 2.43
C ARG A 42 6.24 -10.25 2.52
N SER A 43 5.81 -9.88 3.73
CA SER A 43 4.49 -9.35 4.01
C SER A 43 4.65 -7.94 4.58
N GLY A 44 3.59 -7.14 4.53
CA GLY A 44 3.69 -5.80 5.08
C GLY A 44 4.53 -4.87 4.25
N LEU A 45 4.75 -5.22 2.98
CA LEU A 45 5.49 -4.38 2.05
C LEU A 45 4.52 -3.47 1.31
N ALA A 46 5.07 -2.60 0.49
CA ALA A 46 4.28 -1.82 -0.46
C ALA A 46 4.89 -1.95 -1.86
N GLY A 47 4.04 -1.81 -2.86
CA GLY A 47 4.47 -1.77 -4.23
C GLY A 47 4.26 -0.41 -4.86
N CYS A 48 5.00 -0.13 -5.92
CA CYS A 48 4.80 1.06 -6.72
C CYS A 48 5.49 0.84 -8.06
N VAL A 49 5.24 1.74 -9.00
CA VAL A 49 5.81 1.65 -10.33
C VAL A 49 6.40 3.00 -10.71
N VAL A 50 7.61 2.96 -11.26
CA VAL A 50 8.25 4.14 -11.85
C VAL A 50 8.90 3.70 -13.14
N GLY A 51 8.62 4.39 -14.23
CA GLY A 51 9.25 4.08 -15.50
C GLY A 51 8.96 2.69 -15.99
N GLY A 52 7.79 2.17 -15.71
CA GLY A 52 7.42 0.83 -16.14
C GLY A 52 8.04 -0.30 -15.36
N LEU A 53 8.83 -0.01 -14.32
CA LEU A 53 9.36 -1.04 -13.44
C LEU A 53 8.56 -1.09 -12.16
N LEU A 54 8.34 -2.31 -11.67
CA LEU A 54 7.62 -2.53 -10.42
C LEU A 54 8.62 -2.61 -9.29
N TYR A 55 8.35 -1.90 -8.19
CA TYR A 55 9.22 -1.90 -7.03
C TYR A 55 8.50 -2.51 -5.85
N ALA A 56 9.19 -3.39 -5.13
CA ALA A 56 8.74 -3.94 -3.85
C ALA A 56 9.59 -3.34 -2.74
N VAL A 57 8.94 -2.74 -1.74
CA VAL A 57 9.62 -1.87 -0.77
C VAL A 57 9.30 -2.35 0.64
N GLY A 58 10.34 -2.65 1.42
CA GLY A 58 10.14 -2.95 2.82
C GLY A 58 9.40 -4.26 3.08
N GLY A 59 8.72 -4.29 4.23
CA GLY A 59 8.05 -5.48 4.69
C GLY A 59 8.84 -6.22 5.74
N ARG A 60 8.49 -7.51 5.88
CA ARG A 60 9.16 -8.43 6.79
C ARG A 60 9.01 -9.82 6.25
N ASN A 61 10.02 -10.65 6.48
CA ASN A 61 9.90 -12.08 6.22
C ASN A 61 9.60 -12.77 7.55
N ASN A 62 8.33 -13.08 7.77
CA ASN A 62 7.91 -13.92 8.88
C ASN A 62 7.89 -15.38 8.41
N SER A 63 8.69 -16.21 9.03
CA SER A 63 8.73 -17.62 8.65
C SER A 63 8.78 -18.42 9.94
N PRO A 64 8.71 -19.75 9.87
CA PRO A 64 8.88 -20.56 11.08
C PRO A 64 10.16 -20.25 11.84
N ASP A 65 11.23 -19.89 11.14
CA ASP A 65 12.53 -19.75 11.77
C ASP A 65 12.96 -18.29 11.98
N GLY A 66 12.12 -17.31 11.69
CA GLY A 66 12.58 -15.94 11.81
C GLY A 66 11.50 -14.91 11.56
N ASN A 67 11.79 -13.70 11.99
CA ASN A 67 10.99 -12.51 11.70
C ASN A 67 12.03 -11.46 11.36
N THR A 68 12.27 -11.23 10.08
CA THR A 68 13.31 -10.29 9.68
C THR A 68 12.67 -9.10 8.95
N ASP A 69 12.71 -7.92 9.58
CA ASP A 69 12.20 -6.72 8.93
C ASP A 69 13.10 -6.35 7.76
N SER A 70 12.49 -5.82 6.70
CA SER A 70 13.19 -5.60 5.45
C SER A 70 13.48 -4.12 5.22
N SER A 71 14.74 -3.82 4.88
CA SER A 71 15.14 -2.53 4.33
C SER A 71 15.23 -2.58 2.81
N ALA A 72 14.75 -3.65 2.19
CA ALA A 72 15.03 -3.90 0.78
C ALA A 72 14.14 -3.08 -0.15
N LEU A 73 14.74 -2.74 -1.28
CA LEU A 73 14.06 -2.24 -2.47
C LEU A 73 14.46 -3.18 -3.60
N ASP A 74 13.48 -3.85 -4.20
CA ASP A 74 13.72 -4.76 -5.31
C ASP A 74 12.89 -4.31 -6.50
N CYS A 75 13.46 -4.46 -7.69
CA CYS A 75 12.79 -3.99 -8.91
C CYS A 75 12.52 -5.15 -9.84
N TYR A 76 11.30 -5.22 -10.34
CA TYR A 76 10.86 -6.25 -11.26
C TYR A 76 10.64 -5.62 -12.63
N ASN A 77 11.26 -6.20 -13.66
CA ASN A 77 11.10 -5.72 -15.02
C ASN A 77 10.15 -6.66 -15.75
N PRO A 78 8.94 -6.21 -16.10
CA PRO A 78 8.03 -7.10 -16.84
C PRO A 78 8.59 -7.60 -18.16
N MET A 79 9.51 -6.84 -18.79
CA MET A 79 10.04 -7.27 -20.07
C MET A 79 10.94 -8.48 -19.95
N THR A 80 11.51 -8.74 -18.77
CA THR A 80 12.38 -9.87 -18.55
C THR A 80 11.83 -10.88 -17.56
N ASN A 81 10.76 -10.55 -16.83
CA ASN A 81 10.24 -11.40 -15.77
C ASN A 81 11.32 -11.73 -14.75
N GLN A 82 12.09 -10.71 -14.39
CA GLN A 82 13.19 -10.88 -13.44
C GLN A 82 13.18 -9.78 -12.39
N TRP A 83 13.47 -10.18 -11.15
CA TRP A 83 13.73 -9.26 -10.06
C TRP A 83 15.22 -8.96 -9.94
N SER A 84 15.55 -7.71 -9.63
CA SER A 84 16.91 -7.28 -9.36
C SER A 84 16.93 -6.44 -8.08
N PRO A 85 17.93 -6.63 -7.21
CA PRO A 85 18.06 -5.74 -6.06
C PRO A 85 18.42 -4.33 -6.48
N CYS A 86 17.83 -3.36 -5.77
CA CYS A 86 18.22 -1.96 -5.82
C CYS A 86 18.80 -1.57 -4.48
N ALA A 87 19.22 -0.31 -4.37
CA ALA A 87 19.78 0.17 -3.12
C ALA A 87 18.77 0.00 -1.99
N SER A 88 19.27 -0.41 -0.84
CA SER A 88 18.47 -0.58 0.35
C SER A 88 18.23 0.74 1.07
N MET A 89 17.11 0.81 1.78
CA MET A 89 16.78 1.95 2.59
C MET A 89 17.70 2.07 3.80
N SER A 90 17.61 3.21 4.48
CA SER A 90 18.44 3.47 5.65
C SER A 90 18.11 2.54 6.81
N VAL A 91 16.91 1.98 6.82
CA VAL A 91 16.37 1.29 7.99
C VAL A 91 15.35 0.25 7.55
N PRO A 92 15.20 -0.86 8.26
CA PRO A 92 14.08 -1.78 7.96
C PRO A 92 12.74 -1.08 8.21
N ARG A 93 11.75 -1.37 7.35
CA ARG A 93 10.41 -0.77 7.49
C ARG A 93 9.36 -1.82 7.15
N ASN A 94 8.85 -2.51 8.17
CA ASN A 94 7.69 -3.38 8.01
C ASN A 94 6.41 -2.56 8.17
N ARG A 95 5.34 -2.99 7.53
CA ARG A 95 4.05 -2.29 7.60
C ARG A 95 4.24 -0.86 7.10
N ILE A 96 4.90 -0.75 5.96
CA ILE A 96 5.30 0.49 5.33
C ILE A 96 4.19 1.02 4.45
N GLY A 97 4.27 2.31 4.14
CA GLY A 97 3.52 2.90 3.04
C GLY A 97 4.48 3.62 2.11
N VAL A 98 4.13 3.66 0.82
CA VAL A 98 4.96 4.32 -0.17
C VAL A 98 4.10 5.17 -1.11
N GLY A 99 4.72 6.19 -1.68
CA GLY A 99 4.11 7.01 -2.70
C GLY A 99 5.17 7.50 -3.66
N VAL A 100 4.76 7.83 -4.87
CA VAL A 100 5.66 8.31 -5.92
C VAL A 100 5.31 9.75 -6.27
N ILE A 101 6.32 10.62 -6.24
CA ILE A 101 6.18 11.99 -6.74
C ILE A 101 7.26 12.21 -7.78
N ASP A 102 6.85 12.59 -9.00
CA ASP A 102 7.80 13.01 -10.02
C ASP A 102 8.95 12.01 -10.19
N GLY A 103 8.60 10.73 -10.25
CA GLY A 103 9.59 9.70 -10.50
C GLY A 103 10.44 9.30 -9.31
N HIS A 104 10.09 9.75 -8.11
CA HIS A 104 10.84 9.44 -6.90
C HIS A 104 9.96 8.68 -5.93
N ILE A 105 10.51 7.64 -5.29
CA ILE A 105 9.76 6.82 -4.35
C ILE A 105 9.96 7.34 -2.94
N TYR A 106 8.87 7.62 -2.23
CA TYR A 106 8.93 7.94 -0.82
C TYR A 106 8.52 6.74 0.01
N ALA A 107 9.39 6.32 0.92
CA ALA A 107 9.12 5.27 1.89
C ALA A 107 8.81 5.93 3.23
N VAL A 108 7.67 5.57 3.81
CA VAL A 108 7.09 6.31 4.92
C VAL A 108 6.87 5.37 6.10
N GLY A 109 7.45 5.70 7.25
CA GLY A 109 7.06 5.05 8.48
C GLY A 109 7.44 3.58 8.53
N GLY A 110 6.57 2.79 9.16
CA GLY A 110 6.80 1.37 9.33
C GLY A 110 7.54 1.07 10.62
N SER A 111 7.74 -0.22 10.87
CA SER A 111 8.35 -0.67 12.11
C SER A 111 9.65 -1.42 11.88
N HIS A 112 10.48 -1.41 12.92
CA HIS A 112 11.69 -2.22 13.00
C HIS A 112 11.69 -2.75 14.43
N GLY A 113 11.37 -4.03 14.60
CA GLY A 113 11.15 -4.54 15.94
C GLY A 113 10.10 -3.70 16.62
N CYS A 114 10.37 -3.29 17.85
CA CYS A 114 9.43 -2.48 18.61
C CYS A 114 9.52 -0.98 18.32
N ILE A 115 10.39 -0.58 17.39
CA ILE A 115 10.50 0.81 16.98
C ILE A 115 9.41 1.14 15.96
N HIS A 116 8.71 2.25 16.19
CA HIS A 116 7.68 2.77 15.28
C HIS A 116 8.26 4.04 14.64
N HIS A 117 8.50 4.00 13.32
CA HIS A 117 9.20 5.10 12.67
C HIS A 117 8.29 6.29 12.39
N SER A 118 8.83 7.48 12.60
CA SER A 118 8.32 8.68 11.93
C SER A 118 9.16 9.05 10.71
N SER A 119 10.34 8.43 10.54
CA SER A 119 11.22 8.79 9.46
C SER A 119 10.63 8.48 8.09
N VAL A 120 11.15 9.21 7.10
CA VAL A 120 10.73 9.14 5.72
C VAL A 120 11.96 9.32 4.85
N GLU A 121 12.06 8.53 3.78
CA GLU A 121 13.19 8.66 2.88
C GLU A 121 12.73 8.58 1.43
N ARG A 122 13.57 9.09 0.53
CA ARG A 122 13.21 9.28 -0.87
C ARG A 122 14.26 8.63 -1.76
N TYR A 123 13.78 7.84 -2.73
CA TYR A 123 14.63 7.10 -3.65
C TYR A 123 14.65 7.77 -5.01
N GLU A 124 15.85 7.85 -5.58
CA GLU A 124 16.10 8.41 -6.91
C GLU A 124 16.50 7.26 -7.84
N PRO A 125 15.60 6.79 -8.70
CA PRO A 125 15.94 5.61 -9.53
C PRO A 125 17.14 5.85 -10.45
N GLU A 126 17.26 7.06 -10.98
CA GLU A 126 18.36 7.37 -11.89
C GLU A 126 19.71 7.17 -11.23
N ARG A 127 19.84 7.55 -9.95
CA ARG A 127 21.08 7.44 -9.22
C ARG A 127 21.14 6.19 -8.34
N ASP A 128 20.05 5.46 -8.21
CA ASP A 128 19.97 4.31 -7.31
C ASP A 128 20.46 4.69 -5.91
N GLU A 129 19.86 5.75 -5.36
CA GLU A 129 20.21 6.25 -4.04
C GLU A 129 18.96 6.62 -3.26
N TRP A 130 18.99 6.35 -1.96
CA TRP A 130 18.01 6.83 -1.01
C TRP A 130 18.61 7.97 -0.20
N HIS A 131 17.77 8.93 0.18
CA HIS A 131 18.17 9.96 1.12
C HIS A 131 16.99 10.26 2.04
N LEU A 132 17.27 10.48 3.32
CA LEU A 132 16.23 10.83 4.28
C LEU A 132 15.73 12.24 4.03
N VAL A 133 14.44 12.44 4.25
CA VAL A 133 13.80 13.75 4.19
C VAL A 133 13.22 14.05 5.57
N ALA A 134 12.39 15.07 5.69
CA ALA A 134 11.86 15.41 7.01
C ALA A 134 10.97 14.29 7.52
N PRO A 135 11.06 13.96 8.81
CA PRO A 135 10.18 12.93 9.38
C PRO A 135 8.76 13.46 9.54
N MET A 136 7.81 12.54 9.58
CA MET A 136 6.44 12.88 9.92
C MET A 136 6.34 13.46 11.32
N LEU A 137 5.21 14.12 11.57
CA LEU A 137 4.92 14.63 12.90
C LEU A 137 4.50 13.54 13.87
N THR A 138 4.18 12.35 13.36
CA THR A 138 3.67 11.24 14.15
C THR A 138 4.40 9.98 13.71
N ARG A 139 4.74 9.11 14.66
CA ARG A 139 5.22 7.77 14.33
C ARG A 139 4.05 6.96 13.83
N ARG A 140 4.22 6.28 12.69
CA ARG A 140 3.11 5.55 12.08
C ARG A 140 3.57 4.26 11.43
N ILE A 141 3.00 3.14 11.87
CA ILE A 141 3.16 1.86 11.19
C ILE A 141 1.78 1.43 10.70
N GLY A 142 1.75 0.57 9.70
CA GLY A 142 0.45 0.27 9.08
C GLY A 142 -0.18 1.51 8.50
N VAL A 143 0.64 2.39 7.95
CA VAL A 143 0.27 3.72 7.49
C VAL A 143 -0.11 3.67 6.02
N GLY A 144 -1.22 4.31 5.68
CA GLY A 144 -1.63 4.42 4.29
C GLY A 144 -1.02 5.66 3.68
N VAL A 145 -0.52 5.52 2.45
CA VAL A 145 0.17 6.61 1.78
C VAL A 145 -0.36 6.79 0.37
N ALA A 146 -0.56 8.03 -0.03
CA ALA A 146 -0.92 8.28 -1.43
C ALA A 146 -0.48 9.67 -1.81
N VAL A 147 -0.41 9.90 -3.11
CA VAL A 147 0.07 11.15 -3.69
C VAL A 147 -1.05 11.74 -4.53
N LEU A 148 -1.34 13.02 -4.31
CA LEU A 148 -2.31 13.76 -5.11
C LEU A 148 -1.74 15.15 -5.34
N ASN A 149 -1.69 15.56 -6.60
CA ASN A 149 -1.23 16.90 -6.95
C ASN A 149 0.17 17.15 -6.42
N ARG A 150 1.03 16.12 -6.50
CA ARG A 150 2.44 16.22 -6.10
C ARG A 150 2.59 16.61 -4.64
N LEU A 151 1.65 16.18 -3.81
CA LEU A 151 1.75 16.25 -2.36
C LEU A 151 1.58 14.82 -1.84
N LEU A 152 2.31 14.50 -0.77
CA LEU A 152 2.35 13.15 -0.19
C LEU A 152 1.54 13.11 1.09
N TYR A 153 0.64 12.15 1.20
CA TYR A 153 -0.21 12.03 2.38
C TYR A 153 0.09 10.74 3.13
N ALA A 154 0.14 10.85 4.46
CA ALA A 154 0.28 9.71 5.37
C ALA A 154 -0.97 9.67 6.24
N VAL A 155 -1.65 8.53 6.25
CA VAL A 155 -3.02 8.44 6.74
C VAL A 155 -3.13 7.30 7.74
N GLY A 156 -3.56 7.63 8.96
CA GLY A 156 -3.84 6.60 9.95
C GLY A 156 -2.58 5.88 10.39
N GLY A 157 -2.77 4.61 10.75
CA GLY A 157 -1.71 3.78 11.26
C GLY A 157 -1.77 3.57 12.76
N PHE A 158 -0.62 3.18 13.31
CA PHE A 158 -0.48 2.84 14.71
C PHE A 158 0.84 3.39 15.19
N ASP A 159 0.82 4.13 16.30
CA ASP A 159 2.02 4.82 16.78
C ASP A 159 2.77 4.05 17.86
N GLY A 160 2.37 2.82 18.13
CA GLY A 160 2.95 2.03 19.20
C GLY A 160 2.04 1.91 20.40
N THR A 161 1.09 2.86 20.54
CA THR A 161 0.18 2.86 21.68
C THR A 161 -1.26 2.92 21.19
N ASN A 162 -1.54 3.81 20.25
CA ASN A 162 -2.90 3.97 19.74
C ASN A 162 -2.94 3.81 18.24
N ARG A 163 -4.01 3.19 17.75
CA ARG A 163 -4.38 3.32 16.35
C ARG A 163 -4.92 4.73 16.10
N LEU A 164 -4.72 5.22 14.89
CA LEU A 164 -4.83 6.64 14.60
C LEU A 164 -5.93 6.94 13.59
N ASN A 165 -6.67 8.03 13.84
CA ASN A 165 -7.46 8.66 12.81
C ASN A 165 -6.78 9.86 12.17
N SER A 166 -5.62 10.27 12.69
CA SER A 166 -4.97 11.46 12.18
C SER A 166 -4.32 11.20 10.83
N ALA A 167 -4.01 12.29 10.14
CA ALA A 167 -3.40 12.23 8.83
C ALA A 167 -2.58 13.51 8.64
N GLU A 168 -1.60 13.45 7.76
CA GLU A 168 -0.71 14.57 7.54
C GLU A 168 -0.22 14.57 6.10
N CYS A 169 0.29 15.72 5.67
CA CYS A 169 0.67 15.96 4.29
C CYS A 169 2.08 16.53 4.24
N TYR A 170 2.86 16.06 3.27
CA TYR A 170 4.23 16.49 3.05
C TYR A 170 4.28 17.38 1.81
N TYR A 171 4.89 18.54 1.97
CA TYR A 171 5.02 19.56 0.93
C TYR A 171 6.48 19.55 0.50
N PRO A 172 6.81 18.93 -0.64
CA PRO A 172 8.25 18.67 -0.93
C PRO A 172 9.10 19.91 -1.04
N GLU A 173 8.58 20.99 -1.64
CA GLU A 173 9.37 22.19 -1.81
C GLU A 173 9.72 22.85 -0.49
N ARG A 174 9.01 22.55 0.59
CA ARG A 174 9.33 23.06 1.91
C ARG A 174 9.95 22.00 2.81
N ASN A 175 10.02 20.75 2.35
CA ASN A 175 10.48 19.63 3.17
C ASN A 175 9.83 19.65 4.54
N GLU A 176 8.49 19.70 4.54
CA GLU A 176 7.73 19.94 5.76
C GLU A 176 6.45 19.12 5.74
N TRP A 177 6.08 18.61 6.91
CA TRP A 177 4.81 17.93 7.14
C TRP A 177 3.86 18.83 7.91
N ARG A 178 2.58 18.75 7.57
CA ARG A 178 1.53 19.45 8.30
C ARG A 178 0.36 18.51 8.50
N MET A 179 -0.28 18.59 9.67
CA MET A 179 -1.51 17.82 9.89
C MET A 179 -2.60 18.28 8.92
N ILE A 180 -3.43 17.33 8.51
CA ILE A 180 -4.67 17.63 7.82
C ILE A 180 -5.84 17.23 8.71
N THR A 181 -7.07 17.52 8.26
CA THR A 181 -8.24 17.06 9.00
C THR A 181 -8.13 15.57 9.29
N PRO A 182 -8.42 15.13 10.51
CA PRO A 182 -8.41 13.68 10.78
C PRO A 182 -9.60 13.00 10.13
N MET A 183 -9.43 11.71 9.85
CA MET A 183 -10.52 10.89 9.37
C MET A 183 -11.62 10.78 10.42
N ASN A 184 -12.79 10.38 9.97
CA ASN A 184 -13.87 10.10 10.90
C ASN A 184 -13.68 8.79 11.67
N THR A 185 -12.85 7.88 11.17
CA THR A 185 -12.65 6.57 11.76
C THR A 185 -11.18 6.36 11.99
N ILE A 186 -10.85 5.72 13.12
CA ILE A 186 -9.50 5.23 13.37
C ILE A 186 -9.22 4.08 12.41
N ARG A 187 -8.09 4.13 11.70
CA ARG A 187 -7.78 3.10 10.73
C ARG A 187 -6.29 2.83 10.74
N SER A 188 -5.93 1.61 11.09
CA SER A 188 -4.58 1.10 10.96
C SER A 188 -4.61 -0.05 9.96
N GLY A 189 -3.63 -0.09 9.07
CA GLY A 189 -3.66 -1.14 8.03
C GLY A 189 -4.80 -0.98 7.05
N ALA A 190 -5.20 0.25 6.77
CA ALA A 190 -6.18 0.51 5.71
C ALA A 190 -5.50 0.45 4.35
N GLY A 191 -6.31 0.42 3.29
CA GLY A 191 -5.84 0.70 1.95
C GLY A 191 -6.09 2.16 1.63
N VAL A 192 -5.05 2.86 1.19
CA VAL A 192 -5.15 4.29 0.90
C VAL A 192 -4.68 4.51 -0.53
N CYS A 193 -5.46 5.29 -1.29
CA CYS A 193 -5.15 5.53 -2.69
C CYS A 193 -5.77 6.87 -3.07
N VAL A 194 -5.52 7.29 -4.30
CA VAL A 194 -6.05 8.54 -4.83
C VAL A 194 -6.92 8.25 -6.03
N LEU A 195 -8.05 8.93 -6.10
CA LEU A 195 -8.93 8.80 -7.25
C LEU A 195 -9.59 10.15 -7.46
N HIS A 196 -9.40 10.71 -8.65
CA HIS A 196 -9.88 12.05 -8.97
C HIS A 196 -9.24 13.01 -7.97
N ASN A 197 -10.00 13.79 -7.22
CA ASN A 197 -9.39 14.80 -6.37
C ASN A 197 -9.47 14.42 -4.91
N CYS A 198 -9.59 13.12 -4.62
CA CYS A 198 -9.74 12.69 -3.24
C CYS A 198 -8.77 11.57 -2.88
N ILE A 199 -8.41 11.57 -1.59
CA ILE A 199 -7.66 10.49 -0.97
C ILE A 199 -8.67 9.55 -0.32
N TYR A 200 -8.69 8.28 -0.75
CA TYR A 200 -9.59 7.29 -0.16
C TYR A 200 -8.85 6.47 0.89
N ALA A 201 -9.55 6.15 1.98
CA ALA A 201 -9.09 5.24 3.02
C ALA A 201 -10.15 4.18 3.15
N ALA A 202 -9.81 2.94 2.78
CA ALA A 202 -10.73 1.82 2.77
C ALA A 202 -10.31 0.79 3.81
N GLY A 203 -11.26 0.37 4.64
CA GLY A 203 -10.95 -0.71 5.55
C GLY A 203 -9.99 -0.30 6.64
N GLY A 204 -9.27 -1.31 7.13
CA GLY A 204 -8.36 -1.14 8.23
C GLY A 204 -8.92 -1.75 9.50
N TYR A 205 -8.21 -1.50 10.60
CA TYR A 205 -8.55 -1.97 11.93
C TYR A 205 -8.64 -0.75 12.84
N ASP A 206 -9.73 -0.64 13.60
CA ASP A 206 -9.96 0.53 14.44
C ASP A 206 -9.57 0.33 15.89
N GLY A 207 -8.88 -0.78 16.20
CA GLY A 207 -8.58 -1.15 17.56
C GLY A 207 -9.55 -2.16 18.14
N GLN A 208 -10.68 -2.37 17.49
CA GLN A 208 -11.69 -3.33 17.92
C GLN A 208 -12.11 -4.27 16.80
N ASP A 209 -12.31 -3.77 15.59
CA ASP A 209 -12.78 -4.61 14.49
C ASP A 209 -12.11 -4.20 13.20
N GLN A 210 -12.00 -5.17 12.28
CA GLN A 210 -11.73 -4.87 10.88
C GLN A 210 -12.94 -4.15 10.29
N LEU A 211 -12.67 -3.23 9.38
CA LEU A 211 -13.67 -2.30 8.88
C LEU A 211 -14.02 -2.60 7.43
N ASN A 212 -15.31 -2.44 7.08
CA ASN A 212 -15.70 -2.34 5.68
C ASN A 212 -15.97 -0.92 5.22
N SER A 213 -15.93 0.06 6.12
CA SER A 213 -16.25 1.42 5.72
C SER A 213 -15.11 2.02 4.92
N VAL A 214 -15.46 3.03 4.13
CA VAL A 214 -14.56 3.71 3.22
C VAL A 214 -14.87 5.19 3.28
N GLU A 215 -13.85 6.03 3.40
CA GLU A 215 -14.05 7.47 3.43
C GLU A 215 -13.01 8.14 2.55
N ARG A 216 -13.35 9.33 2.07
CA ARG A 216 -12.48 10.05 1.15
C ARG A 216 -12.32 11.51 1.56
N TYR A 217 -11.09 11.98 1.41
CA TYR A 217 -10.68 13.33 1.76
C TYR A 217 -10.60 14.15 0.49
N ASP A 218 -11.43 15.18 0.40
CA ASP A 218 -11.41 16.11 -0.71
C ASP A 218 -10.38 17.18 -0.36
N VAL A 219 -9.29 17.23 -1.14
CA VAL A 219 -8.17 18.10 -0.79
C VAL A 219 -8.54 19.56 -0.89
N GLU A 220 -9.61 19.90 -1.63
CA GLU A 220 -10.05 21.28 -1.75
C GLU A 220 -10.86 21.71 -0.53
N THR A 221 -11.80 20.88 -0.10
CA THR A 221 -12.69 21.23 0.99
C THR A 221 -12.17 20.79 2.35
N GLU A 222 -11.15 19.93 2.38
CA GLU A 222 -10.54 19.45 3.62
C GLU A 222 -11.51 18.66 4.50
N THR A 223 -12.47 17.99 3.88
CA THR A 223 -13.42 17.17 4.62
C THR A 223 -13.25 15.71 4.25
N TRP A 224 -13.62 14.85 5.19
CA TRP A 224 -13.68 13.41 4.96
C TRP A 224 -15.16 13.02 4.91
N THR A 225 -15.54 12.27 3.87
CA THR A 225 -16.89 11.83 3.64
C THR A 225 -16.90 10.33 3.40
N PHE A 226 -17.84 9.63 4.02
CA PHE A 226 -18.00 8.21 3.76
C PHE A 226 -18.62 7.99 2.39
N VAL A 227 -18.15 6.94 1.70
CA VAL A 227 -18.77 6.44 0.48
C VAL A 227 -19.36 5.08 0.78
N ALA A 228 -19.84 4.36 -0.24
CA ALA A 228 -20.39 3.04 0.00
C ALA A 228 -19.34 2.14 0.65
N PRO A 229 -19.74 1.32 1.62
CA PRO A 229 -18.80 0.37 2.22
C PRO A 229 -18.50 -0.80 1.31
N MET A 230 -17.33 -1.40 1.53
CA MET A 230 -16.98 -2.64 0.85
C MET A 230 -17.92 -3.75 1.28
N ARG A 231 -18.02 -4.79 0.45
CA ARG A 231 -18.76 -5.98 0.84
C ARG A 231 -18.11 -6.67 2.03
N HIS A 232 -16.78 -6.69 2.09
CA HIS A 232 -16.06 -7.40 3.13
C HIS A 232 -15.31 -6.43 4.03
N HIS A 233 -15.40 -6.66 5.33
CA HIS A 233 -14.46 -6.04 6.25
C HIS A 233 -13.07 -6.55 5.97
N ARG A 234 -12.09 -5.65 5.99
CA ARG A 234 -10.73 -6.08 5.71
C ARG A 234 -9.70 -5.12 6.29
N SER A 235 -8.67 -5.70 6.88
CA SER A 235 -7.47 -4.98 7.27
C SER A 235 -6.28 -5.58 6.51
N ALA A 236 -5.20 -4.83 6.45
CA ALA A 236 -4.00 -5.27 5.73
C ALA A 236 -4.35 -5.69 4.30
N LEU A 237 -5.15 -4.87 3.64
CA LEU A 237 -5.54 -5.08 2.26
C LEU A 237 -4.56 -4.39 1.32
N GLY A 238 -4.49 -4.91 0.10
CA GLY A 238 -3.85 -4.21 -0.99
C GLY A 238 -4.85 -3.33 -1.70
N ILE A 239 -4.36 -2.26 -2.34
CA ILE A 239 -5.24 -1.32 -3.03
C ILE A 239 -4.49 -0.71 -4.19
N THR A 240 -5.23 -0.41 -5.25
CA THR A 240 -4.68 0.37 -6.35
C THR A 240 -5.84 0.97 -7.12
N VAL A 241 -5.52 1.80 -8.08
CA VAL A 241 -6.50 2.44 -8.96
C VAL A 241 -6.13 2.10 -10.39
N HIS A 242 -7.15 1.81 -11.19
CA HIS A 242 -6.94 1.45 -12.59
C HIS A 242 -8.19 1.87 -13.34
N GLN A 243 -8.00 2.66 -14.39
CA GLN A 243 -9.10 3.08 -15.27
C GLN A 243 -10.26 3.67 -14.49
N GLY A 244 -9.94 4.51 -13.52
CA GLY A 244 -10.96 5.27 -12.84
C GLY A 244 -11.71 4.51 -11.77
N LYS A 245 -11.23 3.34 -11.38
CA LYS A 245 -11.87 2.54 -10.34
C LYS A 245 -10.82 2.09 -9.33
N ILE A 246 -11.27 1.90 -8.08
CA ILE A 246 -10.43 1.40 -7.01
C ILE A 246 -10.56 -0.12 -6.96
N TYR A 247 -9.44 -0.81 -6.82
CA TYR A 247 -9.43 -2.25 -6.60
C TYR A 247 -8.83 -2.51 -5.24
N VAL A 248 -9.51 -3.32 -4.41
CA VAL A 248 -8.98 -3.78 -3.13
C VAL A 248 -8.76 -5.28 -3.23
N LEU A 249 -7.65 -5.75 -2.68
CA LEU A 249 -7.21 -7.12 -2.84
C LEU A 249 -6.90 -7.74 -1.48
N GLY A 250 -7.61 -8.82 -1.14
CA GLY A 250 -7.25 -9.59 0.02
C GLY A 250 -7.47 -8.83 1.32
N GLY A 251 -6.66 -9.21 2.30
CA GLY A 251 -6.78 -8.70 3.65
C GLY A 251 -7.33 -9.75 4.60
N TYR A 252 -7.54 -9.31 5.83
CA TYR A 252 -8.01 -10.18 6.91
C TYR A 252 -9.32 -9.61 7.42
N ASP A 253 -10.34 -10.47 7.54
CA ASP A 253 -11.68 -10.01 7.94
C ASP A 253 -11.99 -10.36 9.38
N GLY A 254 -11.01 -10.83 10.14
CA GLY A 254 -11.25 -11.30 11.48
C GLY A 254 -11.51 -12.79 11.58
N HIS A 255 -11.58 -13.49 10.45
CA HIS A 255 -11.91 -14.92 10.42
C HIS A 255 -11.06 -15.62 9.38
N THR A 256 -10.93 -14.99 8.21
CA THR A 256 -10.27 -15.58 7.06
C THR A 256 -9.31 -14.57 6.44
N PHE A 257 -8.25 -15.09 5.84
CA PHE A 257 -7.42 -14.32 4.91
C PHE A 257 -8.12 -14.36 3.55
N LEU A 258 -8.60 -13.21 3.10
CA LEU A 258 -9.53 -13.15 1.99
C LEU A 258 -8.82 -13.35 0.67
N ASP A 259 -9.47 -14.04 -0.26
CA ASP A 259 -9.07 -14.03 -1.66
C ASP A 259 -9.86 -13.03 -2.49
N SER A 260 -10.87 -12.38 -1.91
CA SER A 260 -11.74 -11.47 -2.64
C SER A 260 -11.02 -10.23 -3.17
N VAL A 261 -11.34 -9.86 -4.40
CA VAL A 261 -10.96 -8.57 -4.99
C VAL A 261 -12.26 -7.82 -5.31
N GLU A 262 -12.43 -6.65 -4.72
CA GLU A 262 -13.58 -5.80 -4.98
C GLU A 262 -13.15 -4.55 -5.74
N CYS A 263 -14.10 -4.00 -6.50
CA CYS A 263 -13.85 -2.85 -7.36
C CYS A 263 -14.89 -1.79 -7.07
N TYR A 264 -14.43 -0.56 -6.87
CA TYR A 264 -15.31 0.56 -6.56
C TYR A 264 -15.48 1.45 -7.78
N ASP A 265 -16.73 1.69 -8.15
CA ASP A 265 -17.07 2.60 -9.23
C ASP A 265 -17.55 3.92 -8.62
N PRO A 266 -16.81 5.02 -8.76
CA PRO A 266 -17.22 6.27 -8.10
C PRO A 266 -18.46 6.89 -8.72
N ASP A 267 -18.76 6.61 -9.99
CA ASP A 267 -19.92 7.22 -10.63
C ASP A 267 -21.22 6.69 -10.06
N SER A 268 -21.27 5.39 -9.76
CA SER A 268 -22.43 4.78 -9.17
C SER A 268 -22.32 4.64 -7.65
N ASP A 269 -21.15 4.89 -7.09
CA ASP A 269 -20.90 4.73 -5.66
C ASP A 269 -21.26 3.30 -5.23
N THR A 270 -20.70 2.33 -5.96
CA THR A 270 -20.95 0.93 -5.64
C THR A 270 -19.66 0.13 -5.74
N TRP A 271 -19.61 -0.93 -4.95
CA TRP A 271 -18.55 -1.91 -5.01
C TRP A 271 -19.10 -3.20 -5.60
N SER A 272 -18.28 -3.90 -6.38
N SER A 272 -18.28 -3.90 -6.39
CA SER A 272 -18.64 -5.22 -6.89
CA SER A 272 -18.62 -5.21 -6.91
C SER A 272 -17.43 -6.15 -6.76
C SER A 272 -17.42 -6.14 -6.72
N GLU A 273 -17.71 -7.43 -6.61
CA GLU A 273 -16.66 -8.43 -6.53
C GLU A 273 -16.29 -8.82 -7.96
N VAL A 274 -15.02 -8.66 -8.32
CA VAL A 274 -14.62 -8.78 -9.72
C VAL A 274 -13.79 -10.02 -9.99
N THR A 275 -13.05 -10.53 -9.02
CA THR A 275 -12.24 -11.73 -9.20
C THR A 275 -11.84 -12.21 -7.81
N ARG A 276 -11.18 -13.37 -7.78
CA ARG A 276 -10.56 -13.85 -6.56
C ARG A 276 -9.09 -14.08 -6.86
N MET A 277 -8.23 -13.75 -5.90
CA MET A 277 -6.83 -14.16 -6.00
C MET A 277 -6.76 -15.68 -5.96
N THR A 278 -5.59 -16.20 -6.35
CA THR A 278 -5.43 -17.65 -6.41
C THR A 278 -5.42 -18.27 -5.02
N SER A 279 -5.17 -17.47 -3.98
CA SER A 279 -5.26 -17.93 -2.60
C SER A 279 -5.43 -16.70 -1.73
N GLY A 280 -6.08 -16.89 -0.58
CA GLY A 280 -6.29 -15.78 0.33
C GLY A 280 -4.99 -15.36 1.01
N ARG A 281 -4.85 -14.05 1.22
CA ARG A 281 -3.62 -13.51 1.78
C ARG A 281 -3.88 -12.06 2.20
N SER A 282 -3.04 -11.58 3.12
CA SER A 282 -3.05 -10.19 3.55
C SER A 282 -1.66 -9.59 3.36
N GLY A 283 -1.56 -8.28 3.54
CA GLY A 283 -0.26 -7.65 3.62
C GLY A 283 0.52 -7.61 2.31
N VAL A 284 -0.19 -7.56 1.18
CA VAL A 284 0.43 -7.52 -0.14
C VAL A 284 0.86 -6.10 -0.50
N GLY A 285 1.76 -6.02 -1.47
CA GLY A 285 2.03 -4.79 -2.20
C GLY A 285 1.39 -4.88 -3.57
N VAL A 286 0.87 -3.76 -4.05
CA VAL A 286 0.09 -3.76 -5.30
C VAL A 286 0.49 -2.55 -6.13
N ALA A 287 0.57 -2.73 -7.45
CA ALA A 287 0.75 -1.61 -8.36
C ALA A 287 0.36 -2.06 -9.76
N VAL A 288 0.32 -1.09 -10.67
CA VAL A 288 -0.14 -1.33 -12.04
C VAL A 288 0.97 -0.97 -13.01
N THR A 289 1.25 -1.88 -13.95
CA THR A 289 2.14 -1.57 -15.06
C THR A 289 1.85 -2.52 -16.21
N MET A 290 2.66 -2.42 -17.27
CA MET A 290 2.38 -3.16 -18.49
C MET A 290 2.50 -4.67 -18.25
N GLU A 291 1.80 -5.43 -19.09
CA GLU A 291 1.90 -6.88 -19.02
C GLU A 291 3.32 -7.33 -19.37
N PRO A 292 3.77 -8.47 -18.85
CA PRO A 292 5.15 -8.91 -19.03
C PRO A 292 5.41 -9.57 -20.38
S SO4 B . 12.67 6.67 13.74
O1 SO4 B . 13.99 6.54 13.14
O2 SO4 B . 11.74 7.30 12.87
O3 SO4 B . 12.22 5.36 14.14
O4 SO4 B . 12.86 7.46 14.95
S SO4 C . 1.99 29.60 3.27
O1 SO4 C . 2.66 29.34 1.98
O2 SO4 C . 0.55 29.54 3.03
O3 SO4 C . 2.33 28.55 4.23
O4 SO4 C . 2.33 30.91 3.79
S DMS D . 21.17 11.17 3.97
O DMS D . 20.00 10.29 4.16
C1 DMS D . 22.07 10.73 2.46
C2 DMS D . 20.64 12.86 3.60
H11 DMS D . 21.58 9.90 2.01
H12 DMS D . 23.06 10.46 2.71
H13 DMS D . 22.07 11.55 1.80
H21 DMS D . 20.12 13.25 4.43
H22 DMS D . 20.00 12.84 2.75
H23 DMS D . 21.49 13.46 3.39
S DMS E . 14.49 21.85 5.98
O DMS E . 14.77 21.27 4.63
C1 DMS E . 12.96 22.82 5.94
C2 DMS E . 13.96 20.51 7.08
H11 DMS E . 13.08 23.65 5.28
H12 DMS E . 12.73 23.18 6.90
H13 DMS E . 12.16 22.22 5.59
H21 DMS E . 14.73 19.80 7.16
H22 DMS E . 13.10 20.05 6.68
H23 DMS E . 13.74 20.91 8.04
S DMS F . 17.57 -6.51 5.29
O DMS F . 16.43 -6.17 4.42
C1 DMS F . 17.32 -5.64 6.86
C2 DMS F . 17.35 -8.21 5.87
H11 DMS F . 17.60 -4.62 6.75
H12 DMS F . 17.89 -6.09 7.62
H13 DMS F . 16.29 -5.68 7.13
H21 DMS F . 17.45 -8.88 5.06
H22 DMS F . 16.38 -8.31 6.28
H23 DMS F . 18.07 -8.43 6.60
S DMS G . 7.49 11.97 16.40
O DMS G . 6.32 12.52 17.14
C1 DMS G . 8.35 13.34 15.57
C2 DMS G . 8.74 11.42 17.59
H11 DMS G . 7.71 13.80 14.87
H12 DMS G . 9.20 12.95 15.06
H13 DMS G . 8.67 14.04 16.29
H21 DMS G . 8.34 10.64 18.17
H22 DMS G . 9.02 12.23 18.21
H23 DMS G . 9.59 11.06 17.06
S DMS H . 16.22 16.31 -6.81
O DMS H . 15.41 15.99 -8.02
C1 DMS H . 17.97 15.98 -7.14
C2 DMS H . 16.26 18.11 -6.56
H11 DMS H . 18.27 16.53 -8.01
H12 DMS H . 18.12 14.95 -7.32
H13 DMS H . 18.56 16.29 -6.32
H21 DMS H . 15.29 18.46 -6.34
H22 DMS H . 16.62 18.57 -7.44
H23 DMS H . 16.91 18.34 -5.75
S DMS I . -5.58 -6.11 12.50
O DMS I . -6.76 -6.73 11.79
C1 DMS I . -5.61 -6.82 14.17
C2 DMS I . -4.10 -6.94 11.87
H11 DMS I . -6.49 -6.49 14.67
H12 DMS I . -4.76 -6.49 14.71
H13 DMS I . -5.61 -7.87 14.11
H21 DMS I . -3.98 -6.72 10.84
H22 DMS I . -4.21 -7.99 11.98
H23 DMS I . -3.25 -6.61 12.40
S DMS J . -21.28 -5.17 10.17
O DMS J . -20.87 -6.42 10.89
C1 DMS J . -21.27 -5.37 8.36
C2 DMS J . -23.02 -4.80 10.43
H11 DMS J . -20.89 -4.50 7.91
H12 DMS J . -22.27 -5.54 8.03
H13 DMS J . -20.68 -6.21 8.10
H21 DMS J . -23.22 -4.76 11.48
H22 DMS J . -23.61 -5.54 9.98
H23 DMS J . -23.25 -3.85 10.00
S DMS K . 22.87 -2.01 0.10
O DMS K . 22.08 -1.05 -0.73
C1 DMS K . 23.32 -1.26 1.68
C2 DMS K . 21.89 -3.43 0.65
H11 DMS K . 24.11 -0.57 1.53
H12 DMS K . 23.63 -2.01 2.36
H13 DMS K . 22.48 -0.75 2.09
H21 DMS K . 21.20 -3.71 -0.12
H22 DMS K . 21.35 -3.18 1.52
H23 DMS K . 22.53 -4.24 0.84
S DMS L . 2.11 4.20 -7.79
O DMS L . 2.75 3.08 -8.54
C1 DMS L . 2.40 5.76 -8.68
C2 DMS L . 0.31 4.15 -8.05
H11 DMS L . 3.45 5.93 -8.76
H12 DMS L . 1.95 6.56 -8.17
H13 DMS L . 1.99 5.68 -9.66
H21 DMS L . -0.14 4.97 -7.56
H22 DMS L . -0.08 3.25 -7.65
H23 DMS L . 0.10 4.20 -9.08
S DMS M . 8.31 -6.83 18.68
O DMS M . 9.68 -6.39 19.11
C1 DMS M . 7.34 -5.38 18.18
C2 DMS M . 8.46 -7.76 17.11
H11 DMS M . 7.40 -4.64 18.94
H12 DMS M . 6.33 -5.66 18.04
H13 DMS M . 7.72 -4.98 17.28
H21 DMS M . 9.09 -8.60 17.26
H22 DMS M . 8.87 -7.13 16.37
H23 DMS M . 7.50 -8.09 16.81
S DMS N . 10.99 8.68 22.99
O DMS N . 11.57 9.84 22.26
C1 DMS N . 9.20 8.61 22.69
C2 DMS N . 11.59 7.14 22.24
H11 DMS N . 8.99 8.88 21.69
H12 DMS N . 8.71 9.28 23.35
H13 DMS N . 8.85 7.63 22.88
H21 DMS N . 12.65 7.10 22.29
H22 DMS N . 11.29 7.09 21.23
H23 DMS N . 11.18 6.31 22.76
S DMS O . -7.32 3.09 20.09
O DMS O . -6.86 4.38 19.47
C1 DMS O . -8.67 2.39 19.12
C2 DMS O . -6.06 1.80 19.86
H11 DMS O . -9.52 3.02 19.20
H12 DMS O . -8.92 1.43 19.50
H13 DMS O . -8.38 2.31 18.11
H21 DMS O . -6.34 0.93 20.41
H22 DMS O . -5.12 2.14 20.21
H23 DMS O . -6.00 1.56 18.83
S DMS P . 9.87 15.44 -5.89
O DMS P . 10.14 14.15 -5.18
C1 DMS P . 8.69 16.47 -4.98
C2 DMS P . 11.33 16.49 -5.69
H11 DMS P . 8.35 15.93 -4.13
H12 DMS P . 7.87 16.68 -5.61
H13 DMS P . 9.17 17.36 -4.68
H21 DMS P . 12.11 16.15 -6.32
H22 DMS P . 11.67 16.45 -4.68
H23 DMS P . 11.10 17.48 -5.94
S DMS Q . 1.61 -12.45 11.86
O DMS Q . 2.65 -11.73 11.07
C1 DMS Q . 2.41 -13.56 13.06
C2 DMS Q . 0.77 -11.29 12.98
H11 DMS Q . 2.97 -14.29 12.54
H12 DMS Q . 1.66 -14.04 13.65
H13 DMS Q . 3.05 -13.00 13.69
H21 DMS Q . 0.28 -10.55 12.41
H22 DMS Q . 1.48 -10.83 13.61
H23 DMS Q . 0.06 -11.81 13.56
S DMS R . -4.18 3.27 -15.67
O DMS R . -5.51 3.82 -15.24
C1 DMS R . -2.81 4.24 -14.98
C2 DMS R . -3.82 1.77 -14.76
H11 DMS R . -2.83 5.22 -15.39
H12 DMS R . -1.90 3.78 -15.23
H13 DMS R . -2.92 4.29 -13.93
H21 DMS R . -4.61 1.56 -14.08
H22 DMS R . -2.92 1.89 -14.22
H23 DMS R . -3.72 0.95 -15.44
C1 QH8 S . 2.34 -7.71 10.85
C10 QH8 S . -2.50 -10.42 14.32
C11 QH8 S . -1.95 -11.83 10.20
C12 QH8 S . -0.92 -11.28 9.43
C13 QH8 S . 0.38 -6.71 8.56
C14 QH8 S . -0.47 -6.06 9.48
C15 QH8 S . -0.88 -4.73 9.38
C16 QH8 S . -3.71 -3.34 11.12
C17 QH8 S . -2.85 -3.48 12.26
C18 QH8 S . -3.18 -3.10 13.73
C19 QH8 S . -1.66 -4.01 11.80
C2 QH8 S . 1.15 -8.56 10.12
C20 QH8 S . -0.43 -4.33 12.54
C21 QH8 S . 0.86 -3.57 12.35
C22 QH8 S . 0.21 -3.52 13.69
C23 QH8 S . -0.45 -4.00 8.25
C24 QH8 S . 0.38 -4.63 7.29
C25 QH8 S . 0.79 -5.97 7.44
C3 QH8 S . -1.07 -10.09 8.71
C4 QH8 S . -2.31 -9.45 8.87
C5 QH8 S . -3.34 -9.99 9.64
C6 QH8 S . -3.20 -11.20 10.32
C7 QH8 S . -4.34 -11.81 11.18
C8 QH8 S . -4.31 -11.34 12.65
C9 QH8 S . -3.00 -11.61 13.46
N1 QH8 S . 0.69 -8.09 8.79
N2 QH8 S . -1.79 -4.18 10.39
N3 QH8 S . -3.06 -3.77 10.01
O1 QH8 S . 3.24 -7.29 10.17
O2 QH8 S . 1.33 -10.31 7.63
O3 QH8 S . -0.28 -8.98 6.47
O4 QH8 S . -3.02 -3.98 14.58
O5 QH8 S . -3.58 -1.95 13.95
O6 QH8 S . 2.14 -7.58 12.11
S1 QH8 S . 0.27 -9.34 7.72
H13 QH8 S . -2.84 -10.42 15.23
H11 QH8 S . -1.54 -10.37 14.40
H12 QH8 S . -2.76 -9.55 13.96
H14 QH8 S . -1.81 -12.64 10.63
H15 QH8 S . -0.11 -11.72 9.39
H16 QH8 S . -0.78 -6.56 10.20
H17 QH8 S . -4.58 -3.02 11.08
H2 QH8 S . 1.43 -9.48 10.06
H1 QH8 S . 0.40 -8.62 10.72
H19 QH8 S . -0.28 -5.28 12.65
H20 QH8 S . 1.71 -4.04 12.23
H21 QH8 S . 0.89 -2.77 11.79
H22 QH8 S . 0.64 -3.95 14.45
H23 QH8 S . -0.17 -2.70 14.01
H24 QH8 S . -0.73 -3.13 8.12
H25 QH8 S . 0.67 -4.15 6.55
H26 QH8 S . 1.33 -6.36 6.79
H3 QH8 S . -2.44 -8.63 8.44
H4 QH8 S . -4.15 -9.53 9.70
H5 QH8 S . -5.22 -11.62 10.82
H6 QH8 S . -4.34 -12.78 11.17
H7 QH8 S . -5.04 -11.75 13.13
H8 QH8 S . -4.49 -10.39 12.68
H9 QH8 S . -3.11 -12.38 14.04
H10 QH8 S . -2.28 -11.88 12.87
#